data_2EJG
#
_entry.id   2EJG
#
_cell.length_a   69.572
_cell.length_b   63.487
_cell.length_c   74.715
_cell.angle_alpha   90.00
_cell.angle_beta   93.65
_cell.angle_gamma   90.00
#
_symmetry.space_group_name_H-M   'P 1 21 1'
#
loop_
_entity.id
_entity.type
_entity.pdbx_description
1 polymer '235aa long hypothetical biotin--[acetyl-CoA-carboxylase] ligase'
2 polymer '149aa long hypothetical methylmalonyl-CoA decarboxylase gamma chain'
3 non-polymer BIOTIN
4 non-polymer ADENOSINE
5 water water
#
loop_
_entity_poly.entity_id
_entity_poly.type
_entity_poly.pdbx_seq_one_letter_code
_entity_poly.pdbx_strand_id
1 'polypeptide(L)'
;MLGLKTSIIGRRVIYFQEITSTNEFAKTSYLEEGTVIVADKQTMGHGALNRKWESPEGGLWLSIVLSPKVPQKDLPKIVF
LGAVGVVETLKEFSIDGRIKWPNDVLVNYKKIAGVLVEGKGDKIVLGIGLNVNNKVPNGATSMKLELGSEVPLLSVFRSL
ITNLDRLYLNFLKNPMDILNLVRDNMILGVRVKILGDGSFEGIAEDIDDFGRLIIRLDSGEVKKVIYGDVSLRFL
;
A,B
2 'polypeptide(L)' MVVSENVVSAPMPGKVLRVLVRVGDRVRVGQGLLVLEAMKMENEIPSPRDGVVKRILVKEGEAVDTGQPLIELG C,D
#
loop_
_chem_comp.id
_chem_comp.type
_chem_comp.name
_chem_comp.formula
ADN non-polymer ADENOSINE 'C10 H13 N5 O4'
BTN non-polymer BIOTIN 'C10 H16 N2 O3 S'
#
# COMPACT_ATOMS: atom_id res chain seq x y z
N MET A 1 6.26 -0.10 -9.07
CA MET A 1 7.69 0.28 -9.13
C MET A 1 8.57 -0.71 -8.37
N LEU A 2 7.95 -1.53 -7.54
CA LEU A 2 8.70 -2.49 -6.74
C LEU A 2 9.30 -3.62 -7.57
N GLY A 3 8.70 -3.89 -8.72
CA GLY A 3 9.21 -4.94 -9.59
C GLY A 3 9.20 -6.33 -8.98
N LEU A 4 8.11 -6.67 -8.32
CA LEU A 4 7.97 -8.00 -7.73
C LEU A 4 7.35 -8.94 -8.76
N LYS A 5 7.69 -10.22 -8.69
CA LYS A 5 7.14 -11.17 -9.65
C LYS A 5 6.70 -12.41 -8.93
N THR A 6 5.62 -12.29 -8.17
CA THR A 6 5.08 -13.40 -7.41
C THR A 6 3.66 -13.72 -7.87
N SER A 7 3.15 -14.87 -7.43
CA SER A 7 1.82 -15.32 -7.82
C SER A 7 0.74 -14.87 -6.86
N ILE A 8 0.97 -15.10 -5.57
CA ILE A 8 -0.02 -14.77 -4.56
C ILE A 8 0.42 -13.69 -3.58
N ILE A 9 1.50 -13.95 -2.85
CA ILE A 9 2.05 -13.01 -1.87
C ILE A 9 2.85 -11.89 -2.53
N GLY A 10 2.52 -10.65 -2.20
CA GLY A 10 3.25 -9.51 -2.78
C GLY A 10 2.61 -8.93 -4.06
N ARG A 11 1.40 -9.42 -4.42
CA ARG A 11 0.73 -8.91 -5.61
C ARG A 11 0.19 -7.46 -5.41
N ARG A 12 0.13 -7.10 -4.11
CA ARG A 12 -0.26 -5.79 -3.62
C ARG A 12 0.49 -5.57 -2.30
N VAL A 13 1.24 -4.46 -2.21
CA VAL A 13 1.82 -4.12 -0.93
C VAL A 13 1.27 -2.78 -0.45
N ILE A 14 0.98 -2.61 0.83
CA ILE A 14 0.48 -1.33 1.32
C ILE A 14 1.52 -0.83 2.28
N TYR A 15 2.10 0.32 1.95
CA TYR A 15 3.14 0.94 2.77
C TYR A 15 2.68 2.10 3.65
N PHE A 16 3.26 2.17 4.85
CA PHE A 16 2.96 3.20 5.85
C PHE A 16 4.24 3.86 6.37
N GLN A 17 4.26 5.19 6.39
CA GLN A 17 5.42 5.88 6.94
C GLN A 17 5.56 5.35 8.37
N GLU A 18 4.43 5.18 9.06
CA GLU A 18 4.46 4.64 10.42
C GLU A 18 3.09 4.04 10.77
N ILE A 19 3.02 3.29 11.87
CA ILE A 19 1.75 2.67 12.26
C ILE A 19 1.86 2.00 13.62
N THR A 20 0.72 1.74 14.26
CA THR A 20 0.73 1.06 15.56
C THR A 20 1.21 -0.37 15.37
N SER A 21 0.62 -1.05 14.39
CA SER A 21 0.99 -2.43 14.10
C SER A 21 0.49 -2.86 12.73
N THR A 22 1.36 -3.49 11.95
CA THR A 22 0.97 -3.96 10.63
C THR A 22 0.00 -5.12 10.81
N ASN A 23 0.26 -5.97 11.80
CA ASN A 23 -0.61 -7.11 12.04
C ASN A 23 -2.03 -6.69 12.38
N GLU A 24 -2.18 -5.73 13.26
CA GLU A 24 -3.51 -5.26 13.64
C GLU A 24 -4.25 -4.80 12.41
N PHE A 25 -3.62 -3.92 11.64
CA PHE A 25 -4.23 -3.41 10.42
C PHE A 25 -4.65 -4.53 9.48
N ALA A 26 -3.74 -5.46 9.23
CA ALA A 26 -4.04 -6.59 8.36
C ALA A 26 -5.30 -7.32 8.83
N LYS A 27 -5.40 -7.53 10.14
CA LYS A 27 -6.56 -8.20 10.72
C LYS A 27 -7.86 -7.43 10.61
N THR A 28 -7.78 -6.12 10.88
CA THR A 28 -8.94 -5.25 10.87
C THR A 28 -9.41 -4.70 9.53
N SER A 29 -8.75 -5.07 8.44
CA SER A 29 -9.16 -4.54 7.13
C SER A 29 -9.53 -5.66 6.17
N TYR A 30 -10.42 -5.33 5.24
CA TYR A 30 -10.73 -6.34 4.24
C TYR A 30 -9.74 -6.24 3.09
N LEU A 31 -8.90 -7.27 3.09
CA LEU A 31 -7.80 -7.37 2.14
C LEU A 31 -7.73 -8.72 1.44
N GLU A 32 -7.38 -8.67 0.15
CA GLU A 32 -7.25 -9.85 -0.68
C GLU A 32 -6.07 -10.66 -0.17
N GLU A 33 -5.99 -11.92 -0.58
CA GLU A 33 -4.90 -12.80 -0.15
C GLU A 33 -3.58 -12.45 -0.82
N GLY A 34 -2.50 -12.51 -0.04
CA GLY A 34 -1.18 -12.20 -0.56
C GLY A 34 -0.84 -10.74 -0.40
N THR A 35 -1.75 -9.96 0.13
CA THR A 35 -1.49 -8.54 0.33
C THR A 35 -0.47 -8.37 1.45
N VAL A 36 0.47 -7.45 1.27
CA VAL A 36 1.49 -7.23 2.27
C VAL A 36 1.37 -5.85 2.89
N ILE A 37 1.52 -5.80 4.22
CA ILE A 37 1.46 -4.56 4.97
C ILE A 37 2.89 -4.33 5.45
N VAL A 38 3.44 -3.17 5.13
CA VAL A 38 4.81 -2.86 5.49
C VAL A 38 4.93 -1.37 5.91
N ALA A 39 5.59 -1.16 7.05
CA ALA A 39 5.76 0.19 7.59
C ALA A 39 7.22 0.49 7.93
N ASP A 40 7.61 1.77 7.78
CA ASP A 40 8.97 2.18 8.11
C ASP A 40 9.19 1.91 9.60
N LYS A 41 8.17 2.20 10.41
CA LYS A 41 8.26 1.94 11.85
C LYS A 41 6.89 1.69 12.46
N GLN A 42 6.84 0.79 13.44
CA GLN A 42 5.60 0.49 14.17
C GLN A 42 5.79 1.06 15.57
N THR A 43 4.71 1.49 16.21
CA THR A 43 4.83 2.04 17.55
C THR A 43 4.24 1.08 18.56
N MET A 44 3.18 0.38 18.17
CA MET A 44 2.58 -0.59 19.04
C MET A 44 2.98 -2.00 18.60
N GLY A 45 4.23 -2.16 18.20
CA GLY A 45 4.72 -3.45 17.76
C GLY A 45 4.32 -4.59 18.67
N HIS A 46 3.97 -5.73 18.09
CA HIS A 46 3.55 -6.90 18.87
C HIS A 46 4.47 -8.11 18.76
N GLY A 47 4.43 -8.95 19.79
CA GLY A 47 5.24 -10.16 19.81
C GLY A 47 4.41 -11.34 20.26
N ALA A 48 4.95 -12.55 20.06
CA ALA A 48 4.25 -13.76 20.43
C ALA A 48 3.96 -13.78 21.92
N LEU A 49 2.87 -14.44 22.29
CA LEU A 49 2.50 -14.57 23.70
C LEU A 49 2.45 -13.26 24.50
N ASN A 50 1.62 -12.33 24.03
CA ASN A 50 1.43 -11.03 24.66
C ASN A 50 2.69 -10.19 24.97
N ARG A 51 3.82 -10.50 24.32
CA ARG A 51 5.05 -9.72 24.53
C ARG A 51 5.04 -8.52 23.58
N LYS A 52 6.07 -7.69 23.69
CA LYS A 52 6.19 -6.50 22.85
C LYS A 52 7.32 -6.64 21.79
N TRP A 53 7.24 -5.85 20.73
CA TRP A 53 8.26 -5.90 19.69
C TRP A 53 8.76 -4.53 19.21
N GLU A 54 10.06 -4.31 19.36
CA GLU A 54 10.70 -3.07 18.94
C GLU A 54 10.79 -2.96 17.42
N SER A 55 10.13 -1.94 16.86
CA SER A 55 10.12 -1.75 15.42
C SER A 55 10.68 -0.40 15.04
N PRO A 56 11.98 -0.19 15.28
CA PRO A 56 12.59 1.09 14.94
C PRO A 56 12.87 1.18 13.44
N GLU A 57 12.94 2.41 12.95
CA GLU A 57 13.20 2.66 11.55
C GLU A 57 14.49 2.03 11.05
N GLY A 58 14.44 1.45 9.85
CA GLY A 58 15.60 0.83 9.26
C GLY A 58 15.48 -0.68 9.16
N GLY A 59 14.41 -1.21 9.76
CA GLY A 59 14.19 -2.64 9.73
C GLY A 59 13.01 -2.97 8.86
N LEU A 60 12.71 -4.25 8.72
CA LEU A 60 11.59 -4.68 7.89
C LEU A 60 10.47 -5.26 8.76
N TRP A 61 9.35 -4.53 8.83
CA TRP A 61 8.18 -4.93 9.63
C TRP A 61 7.02 -5.10 8.68
N LEU A 62 6.64 -6.35 8.42
CA LEU A 62 5.54 -6.63 7.49
C LEU A 62 4.54 -7.71 7.93
N SER A 63 3.38 -7.67 7.29
CA SER A 63 2.27 -8.59 7.52
C SER A 63 1.73 -9.09 6.20
N ILE A 64 1.47 -10.39 6.12
CA ILE A 64 0.97 -11.00 4.90
C ILE A 64 -0.41 -11.61 5.11
N VAL A 65 -1.33 -11.32 4.20
CA VAL A 65 -2.67 -11.84 4.31
C VAL A 65 -2.70 -13.16 3.57
N LEU A 66 -3.07 -14.22 4.29
CA LEU A 66 -3.11 -15.56 3.74
C LEU A 66 -4.45 -16.25 3.93
N SER A 67 -4.82 -17.09 2.97
CA SER A 67 -6.08 -17.83 3.00
C SER A 67 -5.85 -19.24 2.41
N PRO A 68 -5.01 -20.06 3.08
CA PRO A 68 -4.66 -21.42 2.67
C PRO A 68 -5.77 -22.48 2.55
N LYS A 69 -6.76 -22.41 3.43
CA LYS A 69 -7.84 -23.40 3.40
C LYS A 69 -7.19 -24.75 3.68
N VAL A 70 -6.63 -24.92 4.87
CA VAL A 70 -5.97 -26.18 5.20
C VAL A 70 -6.48 -26.79 6.50
N PRO A 71 -6.33 -28.12 6.65
CA PRO A 71 -6.79 -28.79 7.86
C PRO A 71 -6.12 -28.12 9.05
N GLN A 72 -6.80 -28.11 10.19
CA GLN A 72 -6.25 -27.51 11.39
C GLN A 72 -4.86 -28.07 11.65
N LYS A 73 -4.67 -29.34 11.31
CA LYS A 73 -3.39 -30.01 11.55
C LYS A 73 -2.22 -29.39 10.81
N ASP A 74 -2.52 -28.51 9.86
CA ASP A 74 -1.47 -27.89 9.10
C ASP A 74 -1.26 -26.44 9.47
N LEU A 75 -2.18 -25.89 10.24
CA LEU A 75 -2.10 -24.49 10.67
C LEU A 75 -0.90 -24.14 11.54
N PRO A 76 -0.29 -25.14 12.20
CA PRO A 76 0.87 -24.82 13.05
C PRO A 76 2.13 -24.57 12.23
N LYS A 77 2.07 -24.93 10.95
CA LYS A 77 3.23 -24.83 10.09
C LYS A 77 3.40 -23.43 9.50
N ILE A 78 2.33 -22.64 9.52
CA ILE A 78 2.40 -21.30 8.97
C ILE A 78 3.50 -20.43 9.60
N VAL A 79 3.72 -20.60 10.89
CA VAL A 79 4.77 -19.83 11.53
C VAL A 79 6.11 -20.27 10.95
N PHE A 80 6.26 -21.57 10.72
CA PHE A 80 7.50 -22.10 10.14
C PHE A 80 7.77 -21.48 8.78
N LEU A 81 6.70 -21.33 7.97
CA LEU A 81 6.82 -20.74 6.65
C LEU A 81 7.58 -19.41 6.71
N GLY A 82 7.18 -18.56 7.65
CA GLY A 82 7.80 -17.26 7.79
C GLY A 82 9.23 -17.33 8.26
N ALA A 83 9.51 -18.21 9.21
CA ALA A 83 10.87 -18.35 9.74
C ALA A 83 11.83 -18.83 8.65
N VAL A 84 11.47 -19.95 8.00
CA VAL A 84 12.27 -20.53 6.94
C VAL A 84 12.39 -19.53 5.80
N GLY A 85 11.33 -18.75 5.60
CA GLY A 85 11.37 -17.75 4.56
C GLY A 85 12.48 -16.77 4.86
N VAL A 86 12.59 -16.38 6.12
CA VAL A 86 13.63 -15.44 6.55
C VAL A 86 15.00 -16.08 6.43
N VAL A 87 15.14 -17.29 6.95
CA VAL A 87 16.42 -18.00 6.89
C VAL A 87 17.01 -18.00 5.49
N GLU A 88 16.15 -18.29 4.51
CA GLU A 88 16.55 -18.35 3.11
C GLU A 88 16.93 -16.98 2.52
N THR A 89 16.39 -15.92 3.10
CA THR A 89 16.71 -14.57 2.64
C THR A 89 18.08 -14.19 3.16
N LEU A 90 18.36 -14.57 4.41
CA LEU A 90 19.64 -14.27 5.03
C LEU A 90 20.73 -15.07 4.34
N LYS A 91 20.35 -16.25 3.84
CA LYS A 91 21.29 -17.12 3.14
C LYS A 91 21.78 -16.43 1.86
N GLU A 92 20.86 -15.73 1.20
CA GLU A 92 21.17 -14.98 -0.03
C GLU A 92 22.19 -13.89 0.30
N PHE A 93 22.03 -13.26 1.47
CA PHE A 93 22.93 -12.21 1.90
C PHE A 93 24.07 -12.76 2.72
N SER A 94 24.34 -14.03 2.53
CA SER A 94 25.43 -14.72 3.20
C SER A 94 25.48 -14.61 4.72
N ILE A 95 24.32 -14.79 5.34
CA ILE A 95 24.21 -14.77 6.78
C ILE A 95 23.64 -16.12 7.18
N ASP A 96 24.20 -16.72 8.20
CA ASP A 96 23.74 -18.02 8.66
C ASP A 96 22.80 -17.94 9.87
N GLY A 97 21.49 -17.96 9.59
CA GLY A 97 20.51 -17.91 10.66
C GLY A 97 19.92 -19.29 10.88
N ARG A 98 19.68 -19.65 12.15
CA ARG A 98 19.11 -20.95 12.49
C ARG A 98 17.81 -20.71 13.23
N ILE A 99 16.93 -21.69 13.21
CA ILE A 99 15.64 -21.52 13.88
C ILE A 99 15.58 -21.96 15.32
N LYS A 100 14.98 -21.11 16.13
CA LYS A 100 14.79 -21.34 17.56
C LYS A 100 13.29 -21.56 17.68
N TRP A 101 12.93 -22.81 17.98
CA TRP A 101 11.54 -23.25 18.08
C TRP A 101 10.66 -22.25 18.81
N PRO A 102 9.54 -21.89 18.20
CA PRO A 102 9.25 -22.18 16.80
C PRO A 102 9.08 -20.92 15.90
N ASN A 103 9.43 -19.71 16.45
CA ASN A 103 9.15 -18.47 15.71
C ASN A 103 10.33 -17.46 15.68
N ASP A 104 11.52 -17.83 16.15
CA ASP A 104 12.64 -16.91 16.13
C ASP A 104 13.79 -17.43 15.27
N VAL A 105 14.41 -16.53 14.50
CA VAL A 105 15.56 -16.91 13.70
C VAL A 105 16.72 -16.23 14.40
N LEU A 106 17.84 -16.93 14.52
CA LEU A 106 19.01 -16.40 15.19
C LEU A 106 20.28 -16.49 14.34
N VAL A 107 21.25 -15.66 14.70
CA VAL A 107 22.55 -15.65 14.03
C VAL A 107 23.53 -15.61 15.18
N ASN A 108 24.25 -16.70 15.38
CA ASN A 108 25.20 -16.79 16.48
C ASN A 108 24.47 -16.63 17.78
N TYR A 109 23.27 -17.17 17.80
CA TYR A 109 22.35 -17.19 18.96
C TYR A 109 21.91 -15.79 19.43
N LYS A 110 21.93 -14.84 18.52
CA LYS A 110 21.42 -13.52 18.80
C LYS A 110 20.19 -13.36 17.93
N LYS A 111 19.08 -12.90 18.52
CA LYS A 111 17.84 -12.75 17.78
C LYS A 111 17.89 -11.70 16.69
N ILE A 112 17.54 -12.11 15.46
CA ILE A 112 17.55 -11.18 14.34
C ILE A 112 16.15 -11.05 13.70
N ALA A 113 15.22 -11.88 14.14
CA ALA A 113 13.86 -11.86 13.62
C ALA A 113 12.91 -12.73 14.43
N GLY A 114 11.61 -12.50 14.26
CA GLY A 114 10.61 -13.27 14.95
C GLY A 114 9.32 -13.34 14.16
N VAL A 115 8.56 -14.41 14.31
CA VAL A 115 7.30 -14.52 13.58
C VAL A 115 6.13 -14.52 14.55
N LEU A 116 4.99 -14.03 14.09
CA LEU A 116 3.78 -13.96 14.88
C LEU A 116 2.59 -14.20 13.96
N VAL A 117 1.88 -15.29 14.17
CA VAL A 117 0.72 -15.60 13.34
C VAL A 117 -0.57 -15.40 14.12
N GLU A 118 -1.52 -14.72 13.50
CA GLU A 118 -2.77 -14.45 14.17
C GLU A 118 -3.94 -14.93 13.34
N GLY A 119 -4.96 -15.42 14.04
CA GLY A 119 -6.15 -15.92 13.37
C GLY A 119 -7.29 -14.93 13.42
N LYS A 120 -8.12 -14.96 12.38
CA LYS A 120 -9.26 -14.08 12.25
C LYS A 120 -10.27 -14.86 11.42
N GLY A 121 -10.76 -15.96 11.99
CA GLY A 121 -11.72 -16.79 11.31
C GLY A 121 -11.13 -17.32 10.01
N ASP A 122 -11.69 -16.86 8.90
CA ASP A 122 -11.21 -17.30 7.59
C ASP A 122 -9.82 -16.71 7.30
N LYS A 123 -9.59 -15.51 7.82
CA LYS A 123 -8.32 -14.80 7.61
C LYS A 123 -7.18 -15.24 8.53
N ILE A 124 -5.98 -15.36 7.95
CA ILE A 124 -4.78 -15.77 8.67
C ILE A 124 -3.74 -14.68 8.44
N VAL A 125 -3.19 -14.10 9.50
CA VAL A 125 -2.18 -13.06 9.29
C VAL A 125 -0.78 -13.51 9.71
N LEU A 126 0.14 -13.49 8.75
CA LEU A 126 1.53 -13.85 9.00
C LEU A 126 2.35 -12.58 9.17
N GLY A 127 2.84 -12.36 10.40
CA GLY A 127 3.63 -11.17 10.69
C GLY A 127 5.09 -11.55 10.87
N ILE A 128 5.98 -10.79 10.26
CA ILE A 128 7.39 -11.07 10.37
C ILE A 128 8.17 -9.79 10.64
N GLY A 129 9.01 -9.81 11.67
CA GLY A 129 9.85 -8.68 12.01
C GLY A 129 11.30 -9.11 11.89
N LEU A 130 12.05 -8.48 10.98
CA LEU A 130 13.46 -8.80 10.74
C LEU A 130 14.33 -7.57 10.92
N ASN A 131 15.43 -7.71 11.62
CA ASN A 131 16.31 -6.56 11.83
C ASN A 131 17.27 -6.36 10.63
N VAL A 132 17.14 -5.20 9.99
CA VAL A 132 17.98 -4.87 8.84
C VAL A 132 19.01 -3.84 9.27
N ASN A 133 18.65 -2.55 9.21
CA ASN A 133 19.58 -1.49 9.58
C ASN A 133 19.16 -0.75 10.83
N ASN A 134 18.08 -1.21 11.47
CA ASN A 134 17.57 -0.55 12.67
C ASN A 134 18.44 -0.72 13.91
N LYS A 135 18.11 0.03 14.95
CA LYS A 135 18.82 -0.07 16.22
C LYS A 135 18.18 -1.28 16.88
N VAL A 136 18.93 -2.05 17.65
CA VAL A 136 18.33 -3.23 18.29
C VAL A 136 18.63 -3.43 19.79
N PRO A 137 17.76 -4.19 20.46
CA PRO A 137 17.85 -4.53 21.89
C PRO A 137 19.12 -5.33 22.23
N ASN A 138 19.59 -5.18 23.45
CA ASN A 138 20.79 -5.90 23.88
C ASN A 138 20.52 -7.39 23.66
N GLY A 139 21.54 -8.10 23.17
CA GLY A 139 21.39 -9.53 22.92
C GLY A 139 20.85 -9.88 21.55
N ALA A 140 20.35 -8.87 20.84
CA ALA A 140 19.81 -9.07 19.50
C ALA A 140 20.85 -8.59 18.48
N THR A 141 20.64 -8.94 17.23
CA THR A 141 21.55 -8.54 16.16
C THR A 141 20.76 -8.07 14.93
N SER A 142 21.49 -7.60 13.92
CA SER A 142 20.89 -7.11 12.68
C SER A 142 21.79 -7.43 11.49
N MET A 143 21.23 -7.38 10.29
CA MET A 143 21.99 -7.66 9.08
C MET A 143 23.14 -6.65 8.95
N LYS A 144 22.89 -5.42 9.37
CA LYS A 144 23.90 -4.36 9.31
C LYS A 144 25.02 -4.69 10.29
N LEU A 145 24.67 -5.30 11.42
CA LEU A 145 25.65 -5.68 12.41
C LEU A 145 26.38 -6.90 11.94
N GLU A 146 25.61 -7.81 11.36
CA GLU A 146 26.16 -9.05 10.85
C GLU A 146 27.09 -8.80 9.67
N LEU A 147 26.69 -7.90 8.78
CA LEU A 147 27.49 -7.60 7.59
C LEU A 147 28.42 -6.40 7.76
N GLY A 148 28.23 -5.64 8.84
CA GLY A 148 29.08 -4.49 9.09
C GLY A 148 28.86 -3.32 8.17
N SER A 149 27.67 -3.21 7.58
CA SER A 149 27.34 -2.10 6.67
C SER A 149 25.86 -2.05 6.28
N GLU A 150 25.40 -0.89 5.83
CA GLU A 150 24.01 -0.69 5.40
C GLU A 150 23.53 -1.72 4.39
N VAL A 151 22.36 -2.29 4.64
CA VAL A 151 21.78 -3.29 3.73
C VAL A 151 20.57 -2.65 3.03
N PRO A 152 20.50 -2.76 1.70
CA PRO A 152 19.40 -2.21 0.88
C PRO A 152 18.04 -2.74 1.32
N LEU A 153 17.33 -1.92 2.08
CA LEU A 153 16.04 -2.30 2.61
C LEU A 153 15.07 -2.91 1.59
N LEU A 154 14.93 -2.28 0.44
CA LEU A 154 14.02 -2.81 -0.59
C LEU A 154 14.44 -4.21 -1.03
N SER A 155 15.73 -4.39 -1.28
CA SER A 155 16.28 -5.65 -1.73
C SER A 155 15.98 -6.82 -0.82
N VAL A 156 16.00 -6.56 0.49
CA VAL A 156 15.70 -7.55 1.52
C VAL A 156 14.21 -7.90 1.44
N PHE A 157 13.40 -6.89 1.20
CA PHE A 157 11.96 -7.01 1.07
C PHE A 157 11.60 -7.88 -0.12
N ARG A 158 12.10 -7.48 -1.28
CA ARG A 158 11.86 -8.18 -2.54
C ARG A 158 12.28 -9.65 -2.39
N SER A 159 13.44 -9.84 -1.76
CA SER A 159 13.97 -11.18 -1.52
C SER A 159 13.05 -12.02 -0.63
N LEU A 160 12.70 -11.47 0.53
CA LEU A 160 11.85 -12.16 1.49
C LEU A 160 10.47 -12.46 0.91
N ILE A 161 9.85 -11.47 0.29
CA ILE A 161 8.52 -11.69 -0.26
C ILE A 161 8.63 -12.85 -1.23
N THR A 162 9.66 -12.82 -2.06
CA THR A 162 9.87 -13.85 -3.07
C THR A 162 10.03 -15.25 -2.52
N ASN A 163 10.64 -15.39 -1.36
CA ASN A 163 10.83 -16.71 -0.77
C ASN A 163 9.55 -17.19 -0.13
N LEU A 164 8.85 -16.26 0.52
CA LEU A 164 7.60 -16.59 1.19
C LEU A 164 6.51 -16.99 0.20
N ASP A 165 6.54 -16.42 -1.00
CA ASP A 165 5.54 -16.75 -2.02
C ASP A 165 5.74 -18.19 -2.49
N ARG A 166 7.00 -18.51 -2.79
CA ARG A 166 7.37 -19.82 -3.26
C ARG A 166 7.02 -20.85 -2.17
N LEU A 167 7.54 -20.62 -0.97
CA LEU A 167 7.28 -21.48 0.18
C LEU A 167 5.77 -21.67 0.39
N TYR A 168 4.99 -20.64 0.07
CA TYR A 168 3.55 -20.73 0.25
C TYR A 168 2.93 -21.66 -0.78
N LEU A 169 3.33 -21.50 -2.05
CA LEU A 169 2.80 -22.34 -3.12
C LEU A 169 3.10 -23.81 -2.84
N ASN A 170 4.32 -24.13 -2.39
CA ASN A 170 4.69 -25.50 -2.11
C ASN A 170 3.95 -26.02 -0.89
N PHE A 171 3.55 -25.08 -0.03
CA PHE A 171 2.82 -25.41 1.18
C PHE A 171 1.40 -25.84 0.83
N LEU A 172 0.88 -25.22 -0.24
CA LEU A 172 -0.45 -25.58 -0.74
C LEU A 172 -0.41 -26.88 -1.55
N LYS A 173 0.82 -27.25 -1.96
CA LYS A 173 1.00 -28.51 -2.69
C LYS A 173 1.25 -29.68 -1.71
N ASN A 174 2.09 -29.42 -0.72
CA ASN A 174 2.43 -30.44 0.25
C ASN A 174 2.93 -29.78 1.53
N PRO A 175 2.02 -29.55 2.49
CA PRO A 175 2.36 -28.92 3.77
C PRO A 175 3.38 -29.70 4.60
N MET A 176 3.91 -30.77 4.03
CA MET A 176 4.88 -31.55 4.79
C MET A 176 6.30 -31.14 4.42
N ASP A 177 6.47 -30.41 3.32
CA ASP A 177 7.79 -29.96 2.88
C ASP A 177 8.44 -29.03 3.88
N ILE A 178 7.66 -28.10 4.44
CA ILE A 178 8.18 -27.13 5.41
C ILE A 178 8.84 -27.80 6.63
N LEU A 179 8.15 -28.77 7.23
CA LEU A 179 8.67 -29.49 8.40
C LEU A 179 10.12 -29.90 8.24
N ASN A 180 10.45 -30.45 7.08
CA ASN A 180 11.81 -30.89 6.83
C ASN A 180 12.74 -29.69 6.76
N LEU A 181 12.32 -28.66 6.04
CA LEU A 181 13.13 -27.45 5.96
C LEU A 181 13.43 -26.95 7.36
N VAL A 182 12.40 -26.96 8.20
CA VAL A 182 12.54 -26.51 9.57
C VAL A 182 13.48 -27.45 10.32
N ARG A 183 13.17 -28.74 10.35
CA ARG A 183 14.04 -29.69 11.05
C ARG A 183 15.48 -29.49 10.60
N ASP A 184 15.66 -29.24 9.30
CA ASP A 184 16.98 -29.03 8.73
C ASP A 184 17.52 -27.62 8.94
N ASN A 185 16.77 -26.77 9.64
CA ASN A 185 17.24 -25.40 9.86
C ASN A 185 17.03 -24.82 11.25
N MET A 186 16.71 -25.68 12.21
CA MET A 186 16.49 -25.20 13.57
C MET A 186 17.58 -25.69 14.51
N ILE A 187 17.87 -24.91 15.55
CA ILE A 187 18.88 -25.25 16.54
C ILE A 187 18.53 -26.56 17.26
N LEU A 188 19.48 -27.49 17.29
CA LEU A 188 19.24 -28.79 17.91
C LEU A 188 20.46 -29.28 18.72
N GLY A 189 20.18 -30.09 19.78
CA GLY A 189 21.28 -30.69 20.57
C GLY A 189 21.55 -29.95 21.89
N VAL A 190 20.64 -28.98 22.14
CA VAL A 190 20.79 -28.02 23.18
C VAL A 190 19.97 -28.50 24.34
N ARG A 191 20.55 -28.39 25.50
CA ARG A 191 19.84 -28.81 26.65
C ARG A 191 18.87 -27.71 27.04
N VAL A 192 17.60 -28.05 27.15
CA VAL A 192 16.60 -27.10 27.60
C VAL A 192 15.93 -27.52 28.90
N LYS A 193 15.22 -26.57 29.50
CA LYS A 193 14.51 -26.80 30.75
C LYS A 193 13.06 -26.37 30.64
N ILE A 194 12.16 -27.23 31.06
CA ILE A 194 10.75 -26.91 31.03
C ILE A 194 10.34 -26.60 32.47
N LEU A 195 9.62 -25.49 32.64
CA LEU A 195 9.19 -25.03 33.94
C LEU A 195 7.76 -25.48 34.31
N GLY A 196 7.33 -25.08 35.51
CA GLY A 196 6.01 -25.44 35.96
C GLY A 196 5.98 -26.74 36.75
N PHE A 200 10.82 -30.42 33.97
CA PHE A 200 11.83 -31.40 33.56
C PHE A 200 12.84 -30.80 32.58
N GLU A 201 13.97 -31.48 32.40
CA GLU A 201 14.99 -31.03 31.47
C GLU A 201 15.38 -32.13 30.49
N GLY A 202 15.93 -31.73 29.36
CA GLY A 202 16.33 -32.68 28.33
C GLY A 202 16.99 -32.03 27.13
N ILE A 203 17.01 -32.74 26.01
CA ILE A 203 17.62 -32.24 24.79
C ILE A 203 16.57 -31.91 23.74
N ALA A 204 16.76 -30.80 23.03
CA ALA A 204 15.85 -30.40 21.96
C ALA A 204 16.37 -31.15 20.75
N GLU A 205 15.86 -32.36 20.54
CA GLU A 205 16.34 -33.20 19.44
C GLU A 205 15.49 -33.14 18.17
N ASP A 206 14.24 -32.61 18.25
CA ASP A 206 13.42 -32.60 17.04
C ASP A 206 12.03 -32.00 17.25
N ILE A 207 11.22 -32.07 16.17
CA ILE A 207 9.82 -31.65 16.18
C ILE A 207 9.01 -32.73 15.52
N ASP A 208 7.71 -32.79 15.80
CA ASP A 208 6.89 -33.80 15.13
C ASP A 208 6.14 -33.17 13.95
N ASP A 209 5.19 -33.90 13.38
CA ASP A 209 4.40 -33.50 12.20
C ASP A 209 3.33 -32.44 12.52
N PHE A 210 3.23 -32.11 13.84
CA PHE A 210 2.43 -30.98 14.29
C PHE A 210 3.30 -29.79 14.69
N GLY A 211 4.63 -29.96 14.59
CA GLY A 211 5.54 -28.87 14.97
C GLY A 211 5.81 -28.81 16.48
N ARG A 212 5.56 -29.93 17.16
CA ARG A 212 5.77 -29.99 18.60
C ARG A 212 7.23 -30.36 18.92
N LEU A 213 7.83 -29.56 19.80
CA LEU A 213 9.21 -29.79 20.17
C LEU A 213 9.32 -31.16 20.83
N ILE A 214 10.38 -31.87 20.50
CA ILE A 214 10.65 -33.21 21.02
C ILE A 214 11.86 -33.17 21.94
N ILE A 215 11.61 -33.35 23.23
CA ILE A 215 12.68 -33.31 24.21
C ILE A 215 13.11 -34.70 24.66
N ARG A 216 14.42 -34.92 24.73
CA ARG A 216 14.95 -36.20 25.18
C ARG A 216 15.46 -36.04 26.61
N LEU A 217 14.75 -36.70 27.53
CA LEU A 217 15.12 -36.66 28.93
C LEU A 217 16.45 -37.41 29.11
N ASP A 218 17.05 -37.29 30.28
CA ASP A 218 18.33 -37.94 30.55
C ASP A 218 18.20 -39.46 30.62
N SER A 219 17.06 -39.92 31.14
CA SER A 219 16.82 -41.36 31.12
C SER A 219 16.79 -41.91 29.70
N GLY A 220 16.19 -41.10 28.80
CA GLY A 220 16.07 -41.53 27.42
C GLY A 220 14.63 -41.38 26.90
N GLU A 221 13.70 -41.19 27.87
CA GLU A 221 12.31 -41.00 27.48
C GLU A 221 12.13 -39.71 26.69
N VAL A 222 11.01 -39.69 25.96
CA VAL A 222 10.68 -38.57 25.11
C VAL A 222 9.45 -37.82 25.63
N LYS A 223 9.46 -36.51 25.47
CA LYS A 223 8.36 -35.66 25.88
C LYS A 223 8.13 -34.62 24.78
N LYS A 224 6.87 -34.40 24.43
CA LYS A 224 6.52 -33.43 23.40
C LYS A 224 5.91 -32.18 24.00
N VAL A 225 6.37 -31.03 23.53
CA VAL A 225 5.91 -29.73 24.00
C VAL A 225 4.99 -29.03 23.00
N ILE A 226 3.91 -28.46 23.52
CA ILE A 226 2.97 -27.71 22.70
C ILE A 226 3.24 -26.23 22.99
N TYR A 227 3.47 -25.45 21.94
CA TYR A 227 3.76 -24.04 22.11
C TYR A 227 2.68 -23.33 22.92
N GLY A 228 3.13 -22.57 23.91
CA GLY A 228 2.21 -21.82 24.76
C GLY A 228 1.96 -22.49 26.10
N ASP A 229 1.76 -23.82 26.06
CA ASP A 229 1.50 -24.63 27.25
C ASP A 229 2.55 -24.64 28.34
N VAL A 230 3.80 -24.38 27.97
CA VAL A 230 4.86 -24.40 28.97
C VAL A 230 5.92 -23.35 28.70
N SER A 231 6.71 -23.04 29.72
CA SER A 231 7.78 -22.07 29.59
C SER A 231 9.06 -22.86 29.34
N LEU A 232 9.87 -22.42 28.38
CA LEU A 232 11.10 -23.12 28.07
C LEU A 232 12.31 -22.18 28.09
N ARG A 233 13.49 -22.71 28.39
CA ARG A 233 14.70 -21.91 28.44
C ARG A 233 15.98 -22.67 28.08
N PHE A 234 16.95 -21.96 27.52
CA PHE A 234 18.23 -22.55 27.14
C PHE A 234 19.12 -22.62 28.37
N LEU A 235 19.95 -23.65 28.46
CA LEU A 235 20.84 -23.82 29.61
C LEU A 235 22.31 -23.59 29.27
N MET B 1 9.33 0.37 4.70
CA MET B 1 10.69 0.26 4.08
C MET B 1 10.99 1.32 3.02
N LEU B 2 9.96 1.99 2.51
CA LEU B 2 10.18 3.03 1.53
C LEU B 2 10.91 4.20 2.18
N GLY B 3 10.67 4.41 3.46
CA GLY B 3 11.33 5.48 4.17
C GLY B 3 11.04 6.86 3.64
N LEU B 4 9.76 7.20 3.53
CA LEU B 4 9.36 8.50 3.05
C LEU B 4 9.21 9.41 4.26
N LYS B 5 9.33 10.72 4.01
CA LYS B 5 9.23 11.70 5.08
C LYS B 5 8.34 12.87 4.72
N THR B 6 7.41 12.61 3.81
CA THR B 6 6.48 13.63 3.36
C THR B 6 5.41 13.91 4.41
N SER B 7 4.70 15.01 4.25
CA SER B 7 3.66 15.44 5.20
C SER B 7 2.26 15.02 4.83
N ILE B 8 1.93 15.08 3.54
CA ILE B 8 0.59 14.70 3.09
C ILE B 8 0.59 13.67 1.98
N ILE B 9 1.43 13.88 1.00
CA ILE B 9 1.57 12.97 -0.13
C ILE B 9 2.60 11.87 0.14
N GLY B 10 2.12 10.62 0.15
CA GLY B 10 3.04 9.51 0.29
C GLY B 10 3.09 8.95 1.71
N ARG B 11 2.21 9.50 2.57
CA ARG B 11 2.07 8.91 3.89
C ARG B 11 1.64 7.44 3.76
N ARG B 12 0.90 7.20 2.68
CA ARG B 12 0.49 5.85 2.34
C ARG B 12 0.71 5.59 0.85
N VAL B 13 1.34 4.43 0.54
CA VAL B 13 1.49 4.06 -0.86
C VAL B 13 0.93 2.66 -1.12
N ILE B 14 0.07 2.52 -2.12
CA ILE B 14 -0.46 1.21 -2.50
C ILE B 14 0.10 0.78 -3.86
N TYR B 15 0.91 -0.27 -3.84
CA TYR B 15 1.51 -0.79 -5.06
C TYR B 15 0.82 -2.06 -5.60
N PHE B 16 0.74 -2.13 -6.93
CA PHE B 16 0.17 -3.27 -7.65
C PHE B 16 1.20 -3.79 -8.64
N GLN B 17 1.34 -5.10 -8.73
CA GLN B 17 2.26 -5.67 -9.71
C GLN B 17 1.67 -5.31 -11.08
N GLU B 18 0.37 -5.50 -11.21
CA GLU B 18 -0.34 -5.19 -12.43
C GLU B 18 -1.70 -4.56 -12.08
N ILE B 19 -2.17 -3.63 -12.91
CA ILE B 19 -3.45 -2.95 -12.68
C ILE B 19 -4.00 -2.40 -14.01
N THR B 20 -5.28 -2.03 -14.04
CA THR B 20 -5.87 -1.42 -15.23
C THR B 20 -5.46 0.05 -15.37
N SER B 21 -5.88 0.82 -14.35
CA SER B 21 -5.46 2.22 -14.23
C SER B 21 -5.34 2.64 -12.77
N THR B 22 -4.09 2.92 -12.32
CA THR B 22 -3.96 3.44 -10.96
C THR B 22 -4.88 4.63 -10.73
N ASN B 23 -5.32 5.22 -11.85
CA ASN B 23 -6.17 6.40 -11.81
C ASN B 23 -7.64 6.06 -11.48
N GLU B 24 -8.12 4.99 -12.14
CA GLU B 24 -9.50 4.58 -11.90
C GLU B 24 -9.64 3.92 -10.53
N PHE B 25 -8.54 3.38 -10.02
CA PHE B 25 -8.55 2.76 -8.70
C PHE B 25 -8.63 3.86 -7.65
N ALA B 26 -7.84 4.91 -7.86
CA ALA B 26 -7.82 6.04 -6.95
C ALA B 26 -9.13 6.79 -6.98
N LYS B 27 -9.82 6.73 -8.12
CA LYS B 27 -11.10 7.41 -8.28
C LYS B 27 -12.25 6.69 -7.59
N THR B 28 -12.25 5.36 -7.69
CA THR B 28 -13.31 4.54 -7.11
C THR B 28 -13.05 3.99 -5.71
N SER B 29 -11.86 4.22 -5.18
CA SER B 29 -11.58 3.70 -3.85
C SER B 29 -11.57 4.79 -2.80
N TYR B 30 -11.98 4.44 -1.59
CA TYR B 30 -11.99 5.37 -0.49
C TYR B 30 -10.60 5.33 0.15
N LEU B 31 -9.80 6.35 -0.12
CA LEU B 31 -8.43 6.41 0.35
C LEU B 31 -8.11 7.63 1.18
N GLU B 32 -7.03 7.55 1.95
CA GLU B 32 -6.60 8.70 2.74
C GLU B 32 -6.07 9.76 1.76
N GLU B 33 -6.14 11.02 2.14
CA GLU B 33 -5.68 12.08 1.26
C GLU B 33 -4.18 12.01 1.09
N GLY B 34 -3.71 12.12 -0.15
CA GLY B 34 -2.30 12.06 -0.42
C GLY B 34 -1.78 10.64 -0.51
N THR B 35 -2.67 9.74 -0.93
CA THR B 35 -2.32 8.33 -1.04
C THR B 35 -1.86 8.04 -2.47
N VAL B 36 -0.65 7.47 -2.58
CA VAL B 36 -0.05 7.13 -3.87
C VAL B 36 -0.31 5.71 -4.36
N ILE B 37 -0.98 5.62 -5.50
CA ILE B 37 -1.29 4.34 -6.15
C ILE B 37 -0.27 4.16 -7.27
N VAL B 38 0.61 3.18 -7.15
CA VAL B 38 1.63 2.95 -8.14
C VAL B 38 1.70 1.46 -8.53
N ALA B 39 1.89 1.18 -9.82
CA ALA B 39 1.97 -0.19 -10.35
C ALA B 39 3.04 -0.39 -11.45
N ASP B 40 3.59 -1.59 -11.54
CA ASP B 40 4.63 -1.90 -12.53
C ASP B 40 4.11 -1.71 -13.95
N LYS B 41 2.86 -2.10 -14.19
CA LYS B 41 2.29 -1.96 -15.51
C LYS B 41 0.77 -1.88 -15.48
N GLN B 42 0.22 -0.93 -16.25
CA GLN B 42 -1.21 -0.76 -16.39
C GLN B 42 -1.69 -1.47 -17.65
N THR B 43 -2.72 -2.33 -17.51
CA THR B 43 -3.21 -3.00 -18.71
C THR B 43 -4.14 -2.10 -19.52
N MET B 44 -4.58 -1.00 -18.88
CA MET B 44 -5.49 -0.08 -19.57
C MET B 44 -5.22 1.37 -19.17
N GLY B 45 -3.99 1.82 -19.35
CA GLY B 45 -3.67 3.21 -19.05
C GLY B 45 -4.27 4.12 -20.09
N HIS B 46 -4.61 5.34 -19.71
CA HIS B 46 -5.20 6.29 -20.64
C HIS B 46 -4.77 7.71 -20.32
N GLY B 47 -4.88 8.59 -21.30
CA GLY B 47 -4.51 9.97 -21.10
C GLY B 47 -5.70 10.88 -21.30
N ALA B 48 -5.47 12.02 -21.95
CA ALA B 48 -6.52 12.99 -22.22
C ALA B 48 -7.36 12.51 -23.40
N LEU B 49 -8.67 12.62 -23.27
CA LEU B 49 -9.59 12.17 -24.32
C LEU B 49 -9.47 10.64 -24.43
N ASN B 50 -9.24 10.00 -23.29
CA ASN B 50 -9.11 8.55 -23.17
C ASN B 50 -8.13 7.88 -24.14
N ARG B 51 -7.15 8.61 -24.63
CA ARG B 51 -6.16 8.04 -25.55
C ARG B 51 -5.53 6.84 -24.84
N LYS B 52 -4.88 5.97 -25.60
CA LYS B 52 -4.24 4.80 -24.99
C LYS B 52 -2.82 5.13 -24.54
N TRP B 53 -2.59 5.06 -23.23
CA TRP B 53 -1.27 5.34 -22.66
C TRP B 53 -0.52 4.05 -22.37
N GLU B 54 0.61 3.88 -23.04
CA GLU B 54 1.43 2.68 -22.88
C GLU B 54 2.12 2.62 -21.53
N SER B 55 1.74 1.63 -20.73
CA SER B 55 2.28 1.47 -19.39
C SER B 55 3.05 0.16 -19.17
N PRO B 56 4.20 0.01 -19.84
CA PRO B 56 5.00 -1.21 -19.69
C PRO B 56 5.85 -1.14 -18.42
N GLU B 57 6.41 -2.28 -18.00
CA GLU B 57 7.24 -2.34 -16.81
C GLU B 57 8.57 -1.62 -17.01
N GLY B 58 9.05 -0.98 -15.94
CA GLY B 58 10.30 -0.24 -16.05
C GLY B 58 10.07 1.27 -15.96
N GLY B 59 8.79 1.66 -16.13
CA GLY B 59 8.45 3.09 -16.02
C GLY B 59 7.61 3.36 -14.78
N LEU B 60 7.41 4.66 -14.50
CA LEU B 60 6.67 5.04 -13.30
C LEU B 60 5.21 5.39 -13.60
N TRP B 61 4.29 4.58 -13.10
CA TRP B 61 2.86 4.78 -13.31
C TRP B 61 2.18 4.94 -11.96
N LEU B 62 1.87 6.17 -11.58
CA LEU B 62 1.25 6.38 -10.29
C LEU B 62 0.15 7.41 -10.24
N SER B 63 -0.60 7.42 -9.14
CA SER B 63 -1.68 8.37 -8.93
C SER B 63 -1.69 8.81 -7.47
N ILE B 64 -2.10 10.05 -7.25
CA ILE B 64 -2.16 10.62 -5.91
C ILE B 64 -3.55 11.18 -5.66
N VAL B 65 -4.18 10.72 -4.58
CA VAL B 65 -5.51 11.19 -4.20
C VAL B 65 -5.35 12.53 -3.52
N LEU B 66 -6.10 13.53 -3.97
CA LEU B 66 -6.02 14.86 -3.39
C LEU B 66 -7.41 15.42 -3.06
N SER B 67 -7.47 16.22 -2.00
CA SER B 67 -8.71 16.82 -1.57
C SER B 67 -8.46 18.28 -1.23
N PRO B 68 -7.84 19.03 -2.15
CA PRO B 68 -7.56 20.44 -1.91
C PRO B 68 -8.83 21.25 -1.65
N LYS B 69 -8.88 21.89 -0.49
CA LYS B 69 -10.03 22.71 -0.16
C LYS B 69 -9.79 24.16 -0.57
N VAL B 70 -9.64 24.36 -1.88
CA VAL B 70 -9.40 25.66 -2.45
C VAL B 70 -10.36 25.87 -3.61
N PRO B 71 -10.41 27.11 -4.17
CA PRO B 71 -11.31 27.45 -5.27
C PRO B 71 -11.20 26.50 -6.48
N GLN B 72 -12.38 25.97 -6.88
CA GLN B 72 -12.46 24.97 -7.95
C GLN B 72 -11.86 25.46 -9.27
N LYS B 73 -11.92 26.79 -9.48
CA LYS B 73 -11.29 27.37 -10.66
C LYS B 73 -9.75 27.33 -10.56
N ASP B 74 -9.25 26.91 -9.37
CA ASP B 74 -7.80 26.79 -9.21
C ASP B 74 -7.34 25.35 -9.42
N LEU B 75 -8.30 24.41 -9.33
CA LEU B 75 -7.99 22.98 -9.40
C LEU B 75 -7.18 22.58 -10.65
N PRO B 76 -7.54 23.09 -11.84
CA PRO B 76 -6.79 22.71 -13.04
C PRO B 76 -5.27 22.85 -12.91
N LYS B 77 -4.81 23.77 -12.07
CA LYS B 77 -3.39 24.03 -11.92
C LYS B 77 -2.64 22.85 -11.30
N ILE B 78 -3.40 21.93 -10.65
CA ILE B 78 -2.76 20.74 -10.10
C ILE B 78 -2.08 19.93 -11.20
N VAL B 79 -2.57 20.15 -12.44
CA VAL B 79 -1.92 19.52 -13.58
C VAL B 79 -0.50 20.07 -13.76
N PHE B 80 -0.33 21.36 -13.53
CA PHE B 80 0.98 21.99 -13.66
C PHE B 80 1.96 21.52 -12.60
N LEU B 81 1.49 21.41 -11.37
CA LEU B 81 2.37 21.01 -10.31
C LEU B 81 2.85 19.57 -10.54
N GLY B 82 2.04 18.78 -11.24
CA GLY B 82 2.45 17.42 -11.59
C GLY B 82 3.59 17.56 -12.58
N ALA B 83 3.37 18.36 -13.62
CA ALA B 83 4.36 18.61 -14.65
C ALA B 83 5.64 19.14 -14.03
N VAL B 84 5.48 20.21 -13.25
CA VAL B 84 6.61 20.82 -12.56
C VAL B 84 7.37 19.79 -11.73
N GLY B 85 6.66 18.97 -10.97
CA GLY B 85 7.31 17.95 -10.17
C GLY B 85 8.22 17.06 -10.99
N VAL B 86 7.74 16.67 -12.16
CA VAL B 86 8.50 15.83 -13.06
C VAL B 86 9.77 16.51 -13.57
N VAL B 87 9.61 17.71 -14.11
CA VAL B 87 10.74 18.49 -14.62
C VAL B 87 11.75 18.53 -13.48
N GLU B 88 11.24 18.90 -12.31
CA GLU B 88 12.02 19.02 -11.09
C GLU B 88 12.82 17.77 -10.77
N THR B 89 12.17 16.61 -10.80
CA THR B 89 12.86 15.35 -10.50
C THR B 89 13.84 14.99 -11.63
N LEU B 90 13.51 15.41 -12.84
CA LEU B 90 14.37 15.15 -13.99
C LEU B 90 15.68 15.89 -13.84
N LYS B 91 15.60 17.12 -13.36
CA LYS B 91 16.79 17.94 -13.17
C LYS B 91 17.70 17.26 -12.15
N GLU B 92 17.09 16.55 -11.20
CA GLU B 92 17.84 15.84 -10.17
C GLU B 92 18.65 14.70 -10.77
N PHE B 93 18.15 14.16 -11.87
CA PHE B 93 18.85 13.07 -12.53
C PHE B 93 19.49 13.55 -13.82
N SER B 94 19.99 14.78 -13.77
CA SER B 94 20.69 15.42 -14.89
C SER B 94 19.93 15.58 -16.20
N ILE B 95 18.61 15.46 -16.15
CA ILE B 95 17.84 15.64 -17.37
C ILE B 95 17.13 16.99 -17.34
N ASP B 96 17.10 17.64 -18.49
CA ASP B 96 16.47 18.94 -18.62
C ASP B 96 15.11 18.78 -19.26
N GLY B 97 14.06 18.79 -18.44
CA GLY B 97 12.73 18.66 -18.98
C GLY B 97 12.02 20.00 -19.06
N ARG B 98 11.31 20.23 -20.16
CA ARG B 98 10.56 21.47 -20.37
C ARG B 98 9.09 21.17 -20.62
N ILE B 99 8.23 21.99 -20.05
CA ILE B 99 6.78 21.83 -20.14
C ILE B 99 6.13 22.29 -21.44
N LYS B 100 5.36 21.39 -22.05
CA LYS B 100 4.57 21.74 -23.20
C LYS B 100 3.14 21.86 -22.74
N TRP B 101 2.62 23.08 -22.87
CA TRP B 101 1.26 23.32 -22.39
C TRP B 101 0.33 22.22 -22.88
N PRO B 102 -0.50 21.71 -21.96
CA PRO B 102 -0.45 22.06 -20.54
C PRO B 102 0.03 20.89 -19.64
N ASN B 103 0.04 19.64 -20.19
CA ASN B 103 0.30 18.46 -19.32
C ASN B 103 1.47 17.57 -19.79
N ASP B 104 2.31 18.02 -20.73
CA ASP B 104 3.41 17.17 -21.18
C ASP B 104 4.80 17.70 -20.85
N VAL B 105 5.69 16.79 -20.49
CA VAL B 105 7.07 17.17 -20.19
C VAL B 105 7.92 16.55 -21.28
N LEU B 106 8.63 17.39 -22.01
CA LEU B 106 9.47 16.93 -23.10
C LEU B 106 10.95 17.10 -22.84
N VAL B 107 11.73 16.24 -23.48
CA VAL B 107 13.18 16.29 -23.39
C VAL B 107 13.68 16.29 -24.82
N ASN B 108 14.01 17.50 -25.29
CA ASN B 108 14.46 17.70 -26.67
C ASN B 108 13.28 17.45 -27.61
N TYR B 109 12.14 18.04 -27.24
CA TYR B 109 10.90 17.95 -27.99
C TYR B 109 10.31 16.56 -28.10
N LYS B 110 10.88 15.61 -27.36
CA LYS B 110 10.39 14.24 -27.33
C LYS B 110 9.62 14.07 -26.01
N LYS B 111 8.51 13.35 -26.05
CA LYS B 111 7.68 13.18 -24.85
C LYS B 111 8.22 12.16 -23.85
N ILE B 112 8.58 12.63 -22.67
CA ILE B 112 9.11 11.75 -21.63
C ILE B 112 8.09 11.50 -20.50
N ALA B 113 7.10 12.37 -20.38
CA ALA B 113 6.08 12.23 -19.34
C ALA B 113 4.76 12.95 -19.61
N GLY B 114 3.69 12.40 -19.06
CA GLY B 114 2.36 12.99 -19.22
C GLY B 114 1.63 13.13 -17.88
N VAL B 115 0.67 14.06 -17.82
CA VAL B 115 -0.09 14.30 -16.59
C VAL B 115 -1.60 14.29 -16.85
N LEU B 116 -2.35 13.64 -15.96
CA LEU B 116 -3.80 13.57 -16.12
C LEU B 116 -4.53 13.78 -14.81
N VAL B 117 -5.08 14.97 -14.62
CA VAL B 117 -5.82 15.25 -13.40
C VAL B 117 -7.32 15.05 -13.66
N GLU B 118 -7.92 14.13 -12.89
CA GLU B 118 -9.34 13.82 -12.97
C GLU B 118 -10.01 14.02 -11.61
N GLY B 119 -11.01 14.90 -11.56
CA GLY B 119 -11.68 15.15 -10.31
C GLY B 119 -13.19 14.99 -10.37
N LYS B 120 -13.79 14.91 -9.19
CA LYS B 120 -15.24 14.79 -9.04
C LYS B 120 -15.61 15.38 -7.69
N GLY B 121 -16.17 16.58 -7.71
CA GLY B 121 -16.50 17.21 -6.46
C GLY B 121 -15.21 17.68 -5.82
N ASP B 122 -14.99 17.28 -4.57
CA ASP B 122 -13.79 17.66 -3.83
C ASP B 122 -12.63 16.70 -4.02
N LYS B 123 -12.92 15.45 -4.36
CA LYS B 123 -11.87 14.47 -4.55
C LYS B 123 -11.18 14.68 -5.87
N ILE B 124 -9.86 14.65 -5.86
CA ILE B 124 -9.06 14.85 -7.05
C ILE B 124 -8.04 13.74 -7.21
N VAL B 125 -7.80 13.30 -8.42
CA VAL B 125 -6.79 12.27 -8.65
C VAL B 125 -5.73 12.81 -9.62
N LEU B 126 -4.50 12.95 -9.12
CA LEU B 126 -3.38 13.43 -9.94
C LEU B 126 -2.62 12.25 -10.54
N GLY B 127 -2.81 12.01 -11.84
CA GLY B 127 -2.14 10.91 -12.51
C GLY B 127 -0.91 11.34 -13.26
N ILE B 128 0.21 10.67 -13.00
CA ILE B 128 1.47 11.00 -13.66
C ILE B 128 2.18 9.76 -14.23
N GLY B 129 2.39 9.73 -15.54
CA GLY B 129 3.08 8.61 -16.16
C GLY B 129 4.46 9.04 -16.63
N LEU B 130 5.52 8.47 -16.05
CA LEU B 130 6.88 8.84 -16.43
C LEU B 130 7.76 7.71 -16.99
N ASN B 131 8.35 7.96 -18.16
CA ASN B 131 9.24 6.99 -18.80
C ASN B 131 10.62 6.97 -18.14
N VAL B 132 10.98 5.81 -17.60
CA VAL B 132 12.27 5.66 -16.93
C VAL B 132 13.12 4.60 -17.64
N ASN B 133 12.84 3.33 -17.38
CA ASN B 133 13.61 2.24 -17.99
C ASN B 133 12.80 1.42 -18.98
N ASN B 134 11.54 1.78 -19.12
CA ASN B 134 10.64 1.08 -20.01
C ASN B 134 10.88 1.42 -21.48
N LYS B 135 10.43 0.52 -22.34
CA LYS B 135 10.54 0.72 -23.78
C LYS B 135 9.39 1.65 -24.13
N VAL B 136 9.66 2.68 -24.93
CA VAL B 136 8.64 3.67 -25.29
C VAL B 136 8.19 3.61 -26.74
N PRO B 137 7.21 4.47 -27.12
CA PRO B 137 6.71 4.51 -28.49
C PRO B 137 7.64 5.41 -29.31
N ASN B 138 7.44 5.45 -30.63
CA ASN B 138 8.26 6.27 -31.50
C ASN B 138 7.99 7.77 -31.26
N GLY B 139 9.07 8.56 -31.23
CA GLY B 139 8.91 9.99 -31.01
C GLY B 139 9.01 10.33 -29.52
N ALA B 140 8.95 9.28 -28.68
CA ALA B 140 9.09 9.48 -27.25
C ALA B 140 10.53 9.27 -26.79
N THR B 141 10.76 9.46 -25.50
CA THR B 141 12.08 9.29 -24.90
C THR B 141 11.88 8.80 -23.47
N SER B 142 12.96 8.41 -22.81
CA SER B 142 12.90 7.96 -21.42
C SER B 142 14.20 8.34 -20.71
N MET B 143 14.19 8.27 -19.39
CA MET B 143 15.36 8.61 -18.59
C MET B 143 16.58 7.76 -18.95
N LYS B 144 16.38 6.45 -19.08
CA LYS B 144 17.51 5.57 -19.41
C LYS B 144 18.01 5.86 -20.81
N LEU B 145 17.10 6.16 -21.73
CA LEU B 145 17.47 6.48 -23.10
C LEU B 145 18.23 7.80 -23.15
N GLU B 146 17.94 8.68 -22.22
CA GLU B 146 18.60 9.97 -22.17
C GLU B 146 19.95 9.94 -21.46
N LEU B 147 20.09 9.04 -20.49
CA LEU B 147 21.33 8.94 -19.71
C LEU B 147 22.32 7.87 -20.17
N GLY B 148 21.85 6.91 -20.95
CA GLY B 148 22.73 5.85 -21.43
C GLY B 148 22.81 4.69 -20.46
N SER B 149 22.14 4.82 -19.32
CA SER B 149 22.14 3.78 -18.30
C SER B 149 20.78 3.74 -17.61
N GLU B 150 20.42 2.60 -17.06
CA GLU B 150 19.16 2.45 -16.36
C GLU B 150 19.17 3.20 -15.02
N VAL B 151 18.02 3.75 -14.65
CA VAL B 151 17.91 4.49 -13.40
C VAL B 151 17.21 3.71 -12.30
N PRO B 152 17.67 3.86 -11.06
CA PRO B 152 17.01 3.12 -9.98
C PRO B 152 15.58 3.70 -9.83
N LEU B 153 14.60 2.91 -10.24
CA LEU B 153 13.19 3.31 -10.20
C LEU B 153 12.62 3.82 -8.87
N LEU B 154 13.18 3.43 -7.73
CA LEU B 154 12.65 3.92 -6.47
C LEU B 154 13.24 5.30 -6.19
N SER B 155 14.50 5.48 -6.59
CA SER B 155 15.16 6.77 -6.41
C SER B 155 14.26 7.80 -7.08
N VAL B 156 13.84 7.47 -8.30
CA VAL B 156 12.97 8.35 -9.04
C VAL B 156 11.66 8.53 -8.29
N PHE B 157 11.08 7.40 -7.87
CA PHE B 157 9.82 7.43 -7.15
C PHE B 157 9.86 8.40 -5.97
N ARG B 158 10.77 8.12 -5.03
CA ARG B 158 10.94 8.94 -3.84
C ARG B 158 11.08 10.39 -4.23
N SER B 159 12.18 10.69 -4.89
CA SER B 159 12.47 12.04 -5.32
C SER B 159 11.23 12.76 -5.82
N LEU B 160 10.52 12.16 -6.78
CA LEU B 160 9.34 12.80 -7.32
C LEU B 160 8.27 13.02 -6.25
N ILE B 161 7.84 11.95 -5.60
CA ILE B 161 6.84 12.04 -4.56
C ILE B 161 7.23 13.09 -3.53
N THR B 162 8.53 13.25 -3.30
CA THR B 162 8.97 14.23 -2.33
C THR B 162 8.81 15.66 -2.89
N ASN B 163 9.03 15.84 -4.19
CA ASN B 163 8.87 17.16 -4.80
C ASN B 163 7.39 17.49 -4.77
N LEU B 164 6.57 16.52 -5.15
CA LEU B 164 5.14 16.69 -5.19
C LEU B 164 4.56 17.10 -3.85
N ASP B 165 5.19 16.66 -2.77
CA ASP B 165 4.72 17.00 -1.43
C ASP B 165 4.91 18.48 -1.11
N ARG B 166 6.10 19.03 -1.40
CA ARG B 166 6.35 20.43 -1.14
C ARG B 166 5.55 21.33 -2.06
N LEU B 167 5.46 20.95 -3.33
CA LEU B 167 4.70 21.73 -4.31
C LEU B 167 3.22 21.82 -3.99
N TYR B 168 2.68 20.77 -3.37
CA TYR B 168 1.28 20.73 -3.02
C TYR B 168 0.98 21.57 -1.77
N LEU B 169 1.88 21.51 -0.79
CA LEU B 169 1.71 22.28 0.44
C LEU B 169 1.68 23.76 0.09
N ASN B 170 2.69 24.20 -0.66
CA ASN B 170 2.79 25.59 -1.10
C ASN B 170 1.59 25.95 -1.95
N PHE B 171 1.15 24.99 -2.77
CA PHE B 171 -0.02 25.19 -3.63
C PHE B 171 -1.25 25.54 -2.81
N LEU B 172 -1.44 24.86 -1.68
CA LEU B 172 -2.58 25.12 -0.82
C LEU B 172 -2.50 26.51 -0.20
N LYS B 173 -1.28 27.01 -0.05
CA LYS B 173 -1.08 28.34 0.50
C LYS B 173 -1.41 29.41 -0.54
N ASN B 174 -1.10 29.12 -1.80
CA ASN B 174 -1.37 30.06 -2.87
C ASN B 174 -1.23 29.38 -4.23
N PRO B 175 -2.36 29.04 -4.86
CA PRO B 175 -2.46 28.38 -6.16
C PRO B 175 -1.73 29.09 -7.31
N MET B 176 -1.29 30.33 -7.08
CA MET B 176 -0.60 31.08 -8.12
C MET B 176 0.91 30.85 -8.18
N ASP B 177 1.54 30.63 -7.03
CA ASP B 177 2.99 30.41 -6.99
C ASP B 177 3.43 29.33 -7.98
N ILE B 178 2.53 28.39 -8.29
CA ILE B 178 2.84 27.31 -9.21
C ILE B 178 2.94 27.81 -10.65
N LEU B 179 2.23 28.88 -10.96
CA LEU B 179 2.26 29.46 -12.30
C LEU B 179 3.62 30.06 -12.68
N ASN B 180 4.36 30.53 -11.68
CA ASN B 180 5.67 31.11 -11.92
C ASN B 180 6.63 30.00 -12.34
N LEU B 181 6.59 28.90 -11.61
CA LEU B 181 7.43 27.76 -11.90
C LEU B 181 7.12 27.23 -13.29
N VAL B 182 5.84 27.07 -13.59
CA VAL B 182 5.44 26.59 -14.90
C VAL B 182 6.02 27.47 -15.99
N ARG B 183 5.85 28.78 -15.86
CA ARG B 183 6.37 29.72 -16.85
C ARG B 183 7.83 29.36 -17.14
N ASP B 184 8.65 29.42 -16.10
CA ASP B 184 10.09 29.20 -16.15
C ASP B 184 10.50 27.86 -16.79
N ASN B 185 9.53 26.94 -16.94
CA ASN B 185 9.88 25.62 -17.47
C ASN B 185 9.04 25.24 -18.69
N MET B 186 8.00 26.05 -18.91
CA MET B 186 7.16 25.85 -20.09
C MET B 186 7.88 26.25 -21.39
N ILE B 187 7.46 25.69 -22.51
CA ILE B 187 8.03 26.01 -23.80
C ILE B 187 7.20 27.10 -24.46
N LEU B 188 7.61 28.35 -24.26
CA LEU B 188 6.88 29.48 -24.84
C LEU B 188 7.72 30.23 -25.90
N GLY B 189 7.21 31.39 -26.30
CA GLY B 189 7.88 32.20 -27.30
C GLY B 189 8.16 31.49 -28.61
N VAL B 190 7.29 30.56 -28.97
CA VAL B 190 7.48 29.81 -30.20
C VAL B 190 6.14 29.65 -30.92
N ARG B 191 6.22 29.19 -32.17
CA ARG B 191 5.02 28.99 -32.98
C ARG B 191 4.47 27.57 -32.78
N VAL B 192 3.16 27.48 -32.61
CA VAL B 192 2.50 26.19 -32.39
C VAL B 192 1.15 26.12 -33.07
N LYS B 193 0.62 24.92 -33.18
CA LYS B 193 -0.70 24.76 -33.77
C LYS B 193 -1.68 24.30 -32.70
N ILE B 194 -2.94 24.68 -32.85
CA ILE B 194 -3.97 24.33 -31.89
C ILE B 194 -5.16 23.68 -32.59
N PHE B 200 -6.09 26.15 -35.42
CA PHE B 200 -5.26 27.18 -36.04
C PHE B 200 -3.84 27.13 -35.52
N GLU B 201 -2.98 27.98 -36.08
CA GLU B 201 -1.59 28.05 -35.67
C GLU B 201 -1.32 29.46 -35.15
N GLY B 202 -0.45 29.56 -34.14
CA GLY B 202 -0.13 30.86 -33.57
C GLY B 202 1.21 30.90 -32.86
N ILE B 203 1.38 31.89 -32.00
CA ILE B 203 2.62 32.06 -31.26
C ILE B 203 2.36 31.98 -29.75
N ALA B 204 2.94 30.95 -29.12
CA ALA B 204 2.79 30.76 -27.69
C ALA B 204 3.60 31.79 -26.94
N GLU B 205 2.94 32.73 -26.31
CA GLU B 205 3.64 33.77 -25.56
C GLU B 205 3.72 33.55 -24.06
N ASP B 206 2.57 33.62 -23.38
CA ASP B 206 2.55 33.45 -21.92
C ASP B 206 1.33 32.63 -21.50
N ILE B 207 1.01 32.68 -20.21
CA ILE B 207 -0.15 32.00 -19.64
C ILE B 207 -0.78 32.91 -18.61
N ASP B 208 -2.11 32.95 -18.56
CA ASP B 208 -2.78 33.80 -17.59
C ASP B 208 -2.95 33.14 -16.23
N ASP B 209 -3.52 33.89 -15.30
CA ASP B 209 -3.79 33.43 -13.94
C ASP B 209 -4.45 32.05 -13.91
N PHE B 210 -5.40 31.84 -14.82
CA PHE B 210 -6.12 30.58 -14.89
C PHE B 210 -5.30 29.49 -15.57
N GLY B 211 -4.08 29.81 -15.94
CA GLY B 211 -3.22 28.83 -16.58
C GLY B 211 -3.52 28.64 -18.06
N ARG B 212 -4.23 29.61 -18.65
CA ARG B 212 -4.56 29.53 -20.07
C ARG B 212 -3.37 29.93 -20.93
N LEU B 213 -3.24 29.30 -22.08
CA LEU B 213 -2.14 29.57 -22.99
C LEU B 213 -2.42 30.76 -23.91
N ILE B 214 -1.66 31.83 -23.71
CA ILE B 214 -1.81 33.03 -24.52
C ILE B 214 -1.04 32.88 -25.82
N ILE B 215 -1.78 32.74 -26.92
CA ILE B 215 -1.21 32.57 -28.24
C ILE B 215 -1.39 33.81 -29.10
N ARG B 216 -0.29 34.39 -29.56
CA ARG B 216 -0.37 35.57 -30.42
C ARG B 216 -0.48 35.04 -31.84
N LEU B 217 -1.66 35.25 -32.41
CA LEU B 217 -1.94 34.73 -33.75
C LEU B 217 -1.24 35.43 -34.90
N GLU B 221 -3.45 39.18 -33.07
CA GLU B 221 -4.24 39.51 -31.88
C GLU B 221 -4.19 38.37 -30.83
N VAL B 222 -4.37 38.75 -29.57
CA VAL B 222 -4.31 37.83 -28.44
C VAL B 222 -5.54 36.92 -28.22
N LYS B 223 -5.31 35.61 -28.31
CA LYS B 223 -6.35 34.60 -28.09
C LYS B 223 -5.87 33.56 -27.09
N LYS B 224 -6.55 33.51 -25.95
CA LYS B 224 -6.22 32.58 -24.86
C LYS B 224 -6.90 31.22 -24.94
N VAL B 225 -6.08 30.17 -25.02
CA VAL B 225 -6.55 28.80 -25.14
C VAL B 225 -6.72 28.14 -23.77
N ILE B 226 -7.62 27.16 -23.69
CA ILE B 226 -7.92 26.44 -22.47
C ILE B 226 -8.03 24.92 -22.68
N TYR B 227 -8.44 24.53 -23.88
CA TYR B 227 -8.59 23.11 -24.23
C TYR B 227 -8.07 22.86 -25.64
N GLY B 228 -7.70 21.62 -25.93
CA GLY B 228 -7.20 21.29 -27.25
C GLY B 228 -5.81 20.66 -27.23
N ASP B 229 -5.18 20.61 -28.40
CA ASP B 229 -3.84 20.03 -28.53
C ASP B 229 -2.91 21.04 -29.21
N VAL B 230 -1.61 20.82 -29.11
CA VAL B 230 -0.62 21.72 -29.68
C VAL B 230 0.51 21.01 -30.45
N SER B 231 1.15 21.74 -31.35
CA SER B 231 2.26 21.19 -32.15
C SER B 231 3.39 22.21 -32.27
N ASN C 6 -26.95 -14.71 23.89
CA ASN C 6 -26.56 -16.15 23.84
C ASN C 6 -25.16 -16.41 24.37
N VAL C 7 -24.75 -17.68 24.25
CA VAL C 7 -23.45 -18.13 24.71
C VAL C 7 -22.49 -18.33 23.53
N VAL C 8 -21.25 -17.90 23.71
CA VAL C 8 -20.23 -18.06 22.70
C VAL C 8 -19.26 -19.13 23.20
N SER C 9 -19.22 -20.27 22.53
CA SER C 9 -18.31 -21.33 22.95
C SER C 9 -17.04 -21.37 22.08
N ALA C 10 -16.05 -22.14 22.53
CA ALA C 10 -14.77 -22.24 21.85
C ALA C 10 -14.78 -22.90 20.47
N PRO C 11 -14.29 -22.17 19.44
CA PRO C 11 -14.24 -22.67 18.07
C PRO C 11 -13.21 -23.80 17.98
N MET C 12 -12.30 -23.85 18.94
CA MET C 12 -11.27 -24.89 18.98
C MET C 12 -10.56 -24.92 20.33
N PRO C 13 -9.65 -25.89 20.53
CA PRO C 13 -8.94 -25.96 21.82
C PRO C 13 -7.87 -24.85 21.85
N GLY C 14 -7.50 -24.40 23.03
CA GLY C 14 -6.49 -23.37 23.13
C GLY C 14 -6.43 -22.74 24.50
N LYS C 15 -5.33 -22.04 24.79
CA LYS C 15 -5.18 -21.37 26.06
C LYS C 15 -5.56 -19.89 25.87
N VAL C 16 -6.18 -19.29 26.88
CA VAL C 16 -6.58 -17.89 26.75
C VAL C 16 -5.39 -16.95 26.90
N LEU C 17 -5.13 -16.20 25.85
CA LEU C 17 -4.05 -15.24 25.84
C LEU C 17 -4.50 -13.96 26.51
N ARG C 18 -5.69 -13.51 26.13
CA ARG C 18 -6.23 -12.28 26.67
C ARG C 18 -7.68 -12.09 26.28
N VAL C 19 -8.37 -11.23 27.03
CA VAL C 19 -9.78 -10.91 26.80
C VAL C 19 -9.84 -9.47 26.30
N LEU C 20 -10.37 -9.31 25.08
CA LEU C 20 -10.45 -8.00 24.48
C LEU C 20 -11.51 -7.12 25.13
N VAL C 21 -12.66 -7.73 25.45
CA VAL C 21 -13.77 -7.01 26.05
C VAL C 21 -13.85 -7.03 27.60
N ARG C 22 -14.61 -6.06 28.10
CA ARG C 22 -14.96 -5.88 29.51
C ARG C 22 -16.45 -6.12 29.71
N VAL C 23 -16.81 -6.49 30.95
CA VAL C 23 -18.21 -6.77 31.20
C VAL C 23 -19.05 -5.51 31.04
N GLY C 24 -20.29 -5.71 30.58
CA GLY C 24 -21.17 -4.57 30.34
C GLY C 24 -20.84 -3.87 29.01
N ASP C 25 -19.71 -4.29 28.42
CA ASP C 25 -19.29 -3.71 27.16
C ASP C 25 -20.18 -4.16 26.00
N ARG C 26 -20.68 -3.19 25.22
CA ARG C 26 -21.48 -3.56 24.06
C ARG C 26 -20.62 -4.12 22.93
N VAL C 27 -20.97 -5.31 22.49
CA VAL C 27 -20.21 -5.96 21.42
C VAL C 27 -20.80 -5.70 20.06
N ARG C 28 -19.94 -5.85 19.06
CA ARG C 28 -20.25 -5.64 17.66
C ARG C 28 -20.18 -7.02 17.03
N VAL C 29 -21.09 -7.33 16.11
CA VAL C 29 -21.06 -8.62 15.46
C VAL C 29 -19.67 -8.80 14.87
N GLY C 30 -19.16 -10.04 14.90
CA GLY C 30 -17.84 -10.31 14.34
C GLY C 30 -16.67 -9.62 15.02
N GLN C 31 -16.93 -8.90 16.10
CA GLN C 31 -15.86 -8.20 16.82
C GLN C 31 -15.05 -9.14 17.71
N GLY C 32 -13.83 -8.71 18.03
CA GLY C 32 -12.97 -9.53 18.87
C GLY C 32 -13.37 -9.59 20.33
N LEU C 33 -13.59 -10.81 20.81
CA LEU C 33 -13.98 -11.06 22.20
C LEU C 33 -12.78 -11.46 23.05
N LEU C 34 -12.07 -12.50 22.64
CA LEU C 34 -10.89 -12.97 23.36
C LEU C 34 -9.91 -13.63 22.41
N VAL C 35 -8.74 -13.97 22.91
CA VAL C 35 -7.70 -14.59 22.08
C VAL C 35 -7.21 -15.92 22.65
N LEU C 36 -7.20 -16.94 21.79
CA LEU C 36 -6.74 -18.29 22.16
C LEU C 36 -5.52 -18.69 21.36
N GLU C 37 -4.48 -19.13 22.05
CA GLU C 37 -3.28 -19.55 21.34
C GLU C 37 -3.50 -21.02 20.98
N ALA C 38 -3.75 -21.27 19.69
CA ALA C 38 -4.00 -22.62 19.22
C ALA C 38 -3.31 -22.85 17.89
N MET C 39 -2.73 -24.04 17.75
CA MET C 39 -2.01 -24.44 16.55
C MET C 39 -0.99 -23.35 16.12
N LYS C 40 -0.20 -22.89 17.08
CA LYS C 40 0.84 -21.91 16.86
C LYS C 40 0.36 -20.57 16.27
N MET C 41 -0.84 -20.19 16.66
CA MET C 41 -1.47 -18.95 16.21
C MET C 41 -2.16 -18.32 17.40
N GLU C 42 -2.37 -17.01 17.32
CA GLU C 42 -3.09 -16.32 18.37
C GLU C 42 -4.43 -16.07 17.68
N ASN C 43 -5.41 -16.89 18.04
CA ASN C 43 -6.76 -16.85 17.47
C ASN C 43 -7.75 -15.94 18.16
N GLU C 44 -8.20 -14.94 17.40
CA GLU C 44 -9.18 -14.01 17.92
C GLU C 44 -10.57 -14.60 17.70
N ILE C 45 -11.39 -14.58 18.73
CA ILE C 45 -12.73 -15.13 18.65
C ILE C 45 -13.74 -14.00 18.44
N PRO C 46 -14.59 -14.13 17.41
CA PRO C 46 -15.63 -13.17 17.02
C PRO C 46 -17.02 -13.36 17.65
N SER C 47 -17.73 -12.25 17.81
CA SER C 47 -19.08 -12.22 18.37
C SER C 47 -20.13 -12.58 17.30
N PRO C 48 -20.89 -13.66 17.50
CA PRO C 48 -21.88 -14.12 16.55
C PRO C 48 -23.03 -13.09 16.34
N ARG C 49 -23.06 -12.12 17.25
CA ARG C 49 -24.13 -11.12 17.22
C ARG C 49 -23.70 -9.82 17.92
N ASP C 50 -24.41 -8.70 17.78
CA ASP C 50 -24.01 -7.51 18.53
C ASP C 50 -24.49 -7.83 19.94
N GLY C 51 -24.28 -6.93 20.91
CA GLY C 51 -24.74 -7.22 22.26
C GLY C 51 -23.94 -6.59 23.37
N VAL C 52 -24.08 -7.12 24.58
CA VAL C 52 -23.37 -6.59 25.73
C VAL C 52 -22.75 -7.72 26.54
N VAL C 53 -21.52 -7.51 27.00
CA VAL C 53 -20.81 -8.50 27.81
C VAL C 53 -21.49 -8.72 29.15
N LYS C 54 -22.40 -9.68 29.19
CA LYS C 54 -23.12 -9.99 30.42
C LYS C 54 -22.21 -10.80 31.33
N ARG C 55 -21.45 -11.71 30.73
CA ARG C 55 -20.56 -12.56 31.51
C ARG C 55 -19.33 -13.05 30.76
N ILE C 56 -18.19 -12.98 31.43
CA ILE C 56 -16.94 -13.46 30.87
C ILE C 56 -16.73 -14.78 31.63
N LEU C 57 -17.10 -15.87 30.95
CA LEU C 57 -17.04 -17.22 31.51
C LEU C 57 -15.67 -17.84 31.73
N VAL C 58 -14.61 -17.24 31.19
CA VAL C 58 -13.26 -17.82 31.36
C VAL C 58 -12.20 -16.81 31.80
N LYS C 59 -11.02 -17.30 32.17
CA LYS C 59 -9.89 -16.47 32.62
C LYS C 59 -8.69 -16.56 31.67
N GLU C 60 -7.76 -15.62 31.80
CA GLU C 60 -6.51 -15.69 31.04
C GLU C 60 -5.60 -16.79 31.56
N GLY C 61 -4.93 -17.46 30.61
CA GLY C 61 -4.11 -18.59 31.01
C GLY C 61 -4.93 -19.87 31.18
N GLU C 62 -6.27 -19.74 31.02
CA GLU C 62 -7.10 -20.94 31.08
C GLU C 62 -7.08 -21.73 29.77
N ALA C 63 -7.13 -23.05 29.93
CA ALA C 63 -7.16 -23.96 28.80
C ALA C 63 -8.61 -24.28 28.53
N VAL C 64 -9.08 -23.93 27.33
CA VAL C 64 -10.46 -24.19 26.93
C VAL C 64 -10.45 -25.25 25.85
N ASP C 65 -11.59 -25.89 25.66
CA ASP C 65 -11.70 -26.92 24.65
C ASP C 65 -12.84 -26.56 23.70
N THR C 66 -12.86 -27.20 22.54
CA THR C 66 -13.87 -26.92 21.56
C THR C 66 -15.24 -26.94 22.21
N GLY C 67 -16.05 -25.94 21.91
CA GLY C 67 -17.40 -25.86 22.45
C GLY C 67 -17.56 -25.37 23.88
N GLN C 68 -16.45 -25.20 24.60
CA GLN C 68 -16.55 -24.73 25.97
C GLN C 68 -17.08 -23.29 25.99
N PRO C 69 -17.97 -22.98 26.94
CA PRO C 69 -18.55 -21.63 27.08
C PRO C 69 -17.50 -20.56 27.37
N LEU C 70 -17.51 -19.47 26.62
CA LEU C 70 -16.53 -18.41 26.80
C LEU C 70 -17.10 -17.04 27.16
N ILE C 71 -18.11 -16.60 26.43
CA ILE C 71 -18.72 -15.29 26.68
C ILE C 71 -20.23 -15.38 26.61
N GLU C 72 -20.90 -14.65 27.49
CA GLU C 72 -22.36 -14.64 27.44
C GLU C 72 -22.80 -13.19 27.31
N LEU C 73 -23.43 -12.88 26.18
CA LEU C 73 -23.88 -11.53 25.87
C LEU C 73 -25.31 -11.22 26.26
N GLY C 74 -25.64 -9.93 26.27
CA GLY C 74 -26.97 -9.50 26.61
C GLY C 74 -27.74 -9.05 25.38
N ASN D 6 -32.97 22.67 -7.56
CA ASN D 6 -31.86 23.66 -7.60
C ASN D 6 -31.06 23.47 -8.89
N VAL D 7 -30.59 24.59 -9.46
CA VAL D 7 -29.80 24.54 -10.69
C VAL D 7 -28.30 24.45 -10.36
N VAL D 8 -27.61 23.62 -11.13
CA VAL D 8 -26.16 23.39 -10.95
C VAL D 8 -25.32 24.20 -11.94
N SER D 9 -24.24 24.79 -11.45
CA SER D 9 -23.34 25.61 -12.29
C SER D 9 -21.90 25.13 -12.29
N ALA D 10 -21.17 25.49 -13.33
CA ALA D 10 -19.78 25.11 -13.46
C ALA D 10 -18.93 25.84 -12.42
N PRO D 11 -18.24 25.08 -11.55
CA PRO D 11 -17.39 25.67 -10.51
C PRO D 11 -16.10 26.26 -11.07
N MET D 12 -15.84 26.01 -12.35
CA MET D 12 -14.63 26.49 -13.02
C MET D 12 -14.87 26.63 -14.52
N PRO D 13 -14.00 27.38 -15.21
CA PRO D 13 -14.16 27.55 -16.67
C PRO D 13 -13.76 26.25 -17.36
N GLY D 14 -14.21 26.04 -18.59
CA GLY D 14 -13.86 24.83 -19.29
C GLY D 14 -14.77 24.57 -20.48
N LYS D 15 -14.61 23.41 -21.12
CA LYS D 15 -15.44 23.06 -22.25
C LYS D 15 -16.16 21.75 -21.94
N VAL D 16 -17.44 21.70 -22.24
CA VAL D 16 -18.20 20.48 -21.98
C VAL D 16 -17.58 19.34 -22.78
N LEU D 17 -16.94 18.42 -22.06
CA LEU D 17 -16.31 17.27 -22.68
C LEU D 17 -17.42 16.30 -23.02
N ARG D 18 -18.33 16.14 -22.08
CA ARG D 18 -19.47 15.25 -22.27
C ARG D 18 -20.53 15.41 -21.19
N VAL D 19 -21.79 15.28 -21.63
CA VAL D 19 -22.94 15.38 -20.75
C VAL D 19 -23.31 13.95 -20.42
N LEU D 20 -23.19 13.57 -19.14
CA LEU D 20 -23.46 12.21 -18.72
C LEU D 20 -24.92 11.82 -18.51
N VAL D 21 -25.83 12.78 -18.51
CA VAL D 21 -27.23 12.47 -18.32
C VAL D 21 -28.08 12.95 -19.48
N ARG D 22 -29.38 12.67 -19.38
CA ARG D 22 -30.35 13.06 -20.40
C ARG D 22 -31.54 13.69 -19.71
N VAL D 23 -32.12 14.69 -20.34
CA VAL D 23 -33.36 15.32 -19.89
C VAL D 23 -34.41 14.26 -19.57
N GLY D 24 -35.02 14.31 -18.37
CA GLY D 24 -36.00 13.29 -18.02
C GLY D 24 -35.40 12.22 -17.10
N ASP D 25 -34.05 12.19 -17.10
CA ASP D 25 -33.35 11.22 -16.26
C ASP D 25 -33.51 11.54 -14.77
N ARG D 26 -33.64 10.46 -13.99
CA ARG D 26 -33.70 10.56 -12.53
C ARG D 26 -32.27 10.33 -12.06
N VAL D 27 -31.86 11.04 -11.01
CA VAL D 27 -30.49 10.89 -10.52
C VAL D 27 -30.38 10.94 -9.00
N ARG D 28 -29.43 10.17 -8.48
CA ARG D 28 -29.18 10.12 -7.04
C ARG D 28 -28.12 11.14 -6.71
N VAL D 29 -27.94 11.45 -5.44
CA VAL D 29 -26.95 12.45 -5.03
C VAL D 29 -25.54 11.97 -5.34
N GLY D 30 -24.66 12.91 -5.63
CA GLY D 30 -23.28 12.57 -5.93
C GLY D 30 -23.08 11.87 -7.26
N GLN D 31 -24.07 11.91 -8.14
CA GLN D 31 -23.97 11.27 -9.44
C GLN D 31 -23.42 12.23 -10.49
N GLY D 32 -22.63 11.71 -11.42
CA GLY D 32 -22.06 12.54 -12.46
C GLY D 32 -23.06 13.03 -13.49
N LEU D 33 -23.16 14.34 -13.65
CA LEU D 33 -24.08 14.95 -14.59
C LEU D 33 -23.35 15.34 -15.88
N LEU D 34 -22.08 15.75 -15.77
CA LEU D 34 -21.31 16.13 -16.94
C LEU D 34 -19.83 16.28 -16.57
N VAL D 35 -18.97 16.36 -17.58
CA VAL D 35 -17.54 16.52 -17.35
C VAL D 35 -16.97 17.75 -18.10
N LEU D 36 -16.35 18.65 -17.34
CA LEU D 36 -15.75 19.84 -17.92
C LEU D 36 -14.27 19.58 -18.13
N GLU D 37 -13.59 20.46 -18.88
CA GLU D 37 -12.18 20.25 -19.11
C GLU D 37 -11.40 21.51 -19.46
N ALA D 38 -10.29 21.69 -18.77
CA ALA D 38 -9.39 22.83 -18.97
C ALA D 38 -7.96 22.36 -18.68
N MET D 39 -7.04 22.70 -19.57
CA MET D 39 -5.65 22.29 -19.42
C MET D 39 -5.56 20.80 -19.14
N LYS D 40 -6.40 20.05 -19.84
CA LYS D 40 -6.47 18.60 -19.73
C LYS D 40 -6.80 18.05 -18.35
N MET D 41 -7.57 18.82 -17.59
CA MET D 41 -8.03 18.42 -16.28
C MET D 41 -9.51 18.13 -16.56
N GLU D 42 -9.98 16.95 -16.16
CA GLU D 42 -11.39 16.58 -16.38
C GLU D 42 -12.13 16.67 -15.06
N ASN D 43 -13.18 17.49 -15.03
CA ASN D 43 -13.96 17.64 -13.81
C ASN D 43 -15.37 17.11 -13.98
N GLU D 44 -15.69 16.11 -13.19
CA GLU D 44 -17.01 15.48 -13.22
C GLU D 44 -17.94 16.16 -12.22
N ILE D 45 -18.99 16.78 -12.73
CA ILE D 45 -19.97 17.49 -11.90
C ILE D 45 -20.98 16.52 -11.29
N PRO D 46 -20.90 16.31 -9.97
CA PRO D 46 -21.83 15.39 -9.30
C PRO D 46 -23.16 16.05 -8.94
N SER D 47 -24.23 15.28 -9.04
CA SER D 47 -25.55 15.79 -8.70
C SER D 47 -25.55 16.13 -7.23
N PRO D 48 -25.91 17.38 -6.90
CA PRO D 48 -25.97 17.87 -5.51
C PRO D 48 -27.10 17.26 -4.68
N ARG D 49 -27.90 16.41 -5.29
CA ARG D 49 -29.01 15.79 -4.59
C ARG D 49 -29.64 14.65 -5.37
N ASP D 50 -30.82 14.22 -4.93
CA ASP D 50 -31.55 13.16 -5.59
C ASP D 50 -32.65 13.95 -6.32
N GLY D 51 -32.68 13.86 -7.64
CA GLY D 51 -33.69 14.59 -8.39
C GLY D 51 -33.97 14.09 -9.79
N VAL D 52 -34.37 15.02 -10.66
CA VAL D 52 -34.68 14.70 -12.05
C VAL D 52 -34.13 15.80 -12.93
N VAL D 53 -33.49 15.40 -14.03
CA VAL D 53 -32.95 16.39 -14.94
C VAL D 53 -34.12 17.08 -15.61
N LYS D 54 -34.24 18.36 -15.28
CA LYS D 54 -35.30 19.18 -15.81
C LYS D 54 -34.80 19.88 -17.07
N ARG D 55 -33.61 20.47 -16.99
CA ARG D 55 -33.02 21.17 -18.12
C ARG D 55 -31.50 21.03 -18.17
N ILE D 56 -30.97 20.89 -19.37
CA ILE D 56 -29.53 20.81 -19.58
C ILE D 56 -29.22 22.10 -20.32
N LEU D 57 -28.75 23.10 -19.58
CA LEU D 57 -28.45 24.43 -20.10
C LEU D 57 -27.17 24.60 -20.92
N VAL D 58 -26.52 23.49 -21.28
CA VAL D 58 -25.30 23.56 -22.09
C VAL D 58 -25.26 22.39 -23.07
N LYS D 59 -24.20 22.35 -23.86
CA LYS D 59 -24.04 21.31 -24.87
C LYS D 59 -22.57 20.91 -24.89
N GLU D 60 -22.27 19.65 -25.19
CA GLU D 60 -20.86 19.27 -25.19
C GLU D 60 -20.12 19.86 -26.39
N GLY D 61 -18.94 20.44 -26.08
CA GLY D 61 -18.25 21.26 -27.07
C GLY D 61 -18.35 22.75 -26.69
N GLU D 62 -19.47 23.07 -26.01
CA GLU D 62 -19.69 24.44 -25.55
C GLU D 62 -18.73 24.81 -24.42
N ALA D 63 -18.08 25.96 -24.57
CA ALA D 63 -17.18 26.48 -23.54
C ALA D 63 -18.00 27.26 -22.54
N VAL D 64 -17.67 27.17 -21.26
CA VAL D 64 -18.41 27.88 -20.23
C VAL D 64 -17.52 28.69 -19.29
N ASP D 65 -18.16 29.29 -18.28
CA ASP D 65 -17.44 30.09 -17.31
C ASP D 65 -17.80 29.65 -15.90
N THR D 66 -17.13 30.26 -14.93
CA THR D 66 -17.37 29.93 -13.53
C THR D 66 -18.74 30.44 -13.09
N GLY D 67 -19.45 29.62 -12.32
CA GLY D 67 -20.76 29.98 -11.82
C GLY D 67 -21.88 29.89 -12.85
N GLN D 68 -21.55 29.56 -14.09
CA GLN D 68 -22.57 29.48 -15.13
C GLN D 68 -23.42 28.21 -15.01
N PRO D 69 -24.74 28.35 -15.24
CA PRO D 69 -25.71 27.25 -15.17
C PRO D 69 -25.47 26.15 -16.21
N LEU D 70 -25.42 24.91 -15.73
CA LEU D 70 -25.20 23.74 -16.57
C LEU D 70 -26.46 22.88 -16.66
N ILE D 71 -27.14 22.73 -15.53
CA ILE D 71 -28.35 21.92 -15.47
C ILE D 71 -29.35 22.43 -14.41
N GLU D 72 -30.62 22.13 -14.62
CA GLU D 72 -31.69 22.50 -13.68
C GLU D 72 -32.33 21.20 -13.21
N LEU D 73 -32.27 20.95 -11.91
CA LEU D 73 -32.85 19.73 -11.35
C LEU D 73 -34.30 19.92 -10.86
N GLY D 74 -34.91 18.82 -10.45
CA GLY D 74 -36.27 18.85 -9.95
C GLY D 74 -36.45 17.87 -8.81
C11 BTN E . 8.33 -12.58 18.27
O11 BTN E . 9.49 -12.95 18.07
O12 BTN E . 7.85 -12.51 19.44
C10 BTN E . 7.43 -12.20 17.12
C9 BTN E . 7.69 -10.83 16.58
C8 BTN E . 6.88 -10.48 15.35
C7 BTN E . 7.19 -9.08 14.86
C2 BTN E . 6.44 -8.60 13.62
S1 BTN E . 6.86 -6.92 13.09
C6 BTN E . 5.64 -7.12 11.76
C5 BTN E . 4.42 -7.65 12.56
N1 BTN E . 3.63 -6.59 13.21
C3 BTN E . 3.58 -6.79 14.54
O3 BTN E . 2.96 -6.02 15.35
N2 BTN E . 4.30 -7.93 14.90
C4 BTN E . 4.87 -8.57 13.72
O5' ADN F . 9.97 -12.69 21.33
C5' ADN F . 9.98 -11.78 22.44
C4' ADN F . 11.41 -11.35 22.77
O4' ADN F . 12.00 -10.68 21.62
C3' ADN F . 11.45 -10.37 23.96
O3' ADN F . 11.87 -11.03 25.17
C2' ADN F . 12.38 -9.21 23.52
O2' ADN F . 13.49 -9.00 24.40
C1' ADN F . 12.83 -9.58 22.09
N9 ADN F . 12.68 -8.43 21.15
C8 ADN F . 11.73 -7.44 21.17
N7 ADN F . 11.99 -6.56 20.06
C5 ADN F . 13.05 -7.01 19.40
C6 ADN F . 13.78 -6.59 18.24
N6 ADN F . 13.41 -5.47 17.54
N1 ADN F . 14.86 -7.33 17.84
C2 ADN F . 15.27 -8.45 18.49
N3 ADN F . 14.61 -8.88 19.58
C4 ADN F . 13.52 -8.20 20.08
C11 BTN G . -1.14 12.24 -21.23
O11 BTN G . -0.01 12.69 -21.47
O12 BTN G . -2.03 12.18 -22.12
C10 BTN G . -1.52 11.74 -19.87
C9 BTN G . -1.01 10.38 -19.55
C8 BTN G . -1.15 10.03 -18.10
C7 BTN G . -0.63 8.64 -17.78
C2 BTN G . -0.75 8.21 -16.31
S1 BTN G . -0.10 6.57 -15.97
C6 BTN G . -0.61 6.84 -14.25
C5 BTN G . -2.08 7.31 -14.44
N1 BTN G . -3.01 6.23 -14.63
C3 BTN G . -3.64 6.34 -15.82
O3 BTN G . -4.51 5.54 -16.28
N2 BTN G . -3.21 7.48 -16.49
C4 BTN G . -2.20 8.19 -15.71
O5' ADN H . -2.95 8.64 -27.97
C5' ADN H . -1.94 7.91 -28.67
C4' ADN H . -0.57 8.59 -28.47
O4' ADN H . -0.18 8.59 -27.06
C3' ADN H . 0.52 7.82 -29.23
O3' ADN H . 0.81 8.42 -30.50
C2' ADN H . 1.72 7.76 -28.29
O2' ADN H . 2.92 8.30 -28.86
C1' ADN H . 1.27 8.51 -26.99
N9 ADN H . 1.76 7.72 -25.83
C8 ADN H . 1.10 6.67 -25.22
N7 ADN H . 1.94 6.20 -24.15
C5 ADN H . 3.07 6.92 -24.12
C6 ADN H . 4.24 6.92 -23.33
N6 ADN H . 4.39 6.00 -22.31
N1 ADN H . 5.23 7.85 -23.59
C2 ADN H . 5.12 8.77 -24.58
N3 ADN H . 4.02 8.79 -25.36
C4 ADN H . 2.98 7.91 -25.19
#